data_9BXL
#
_entry.id   9BXL
#
_cell.length_a   70.160
_cell.length_b   92.215
_cell.length_c   95.999
_cell.angle_alpha   90.000
_cell.angle_beta   90.000
_cell.angle_gamma   90.000
#
_symmetry.space_group_name_H-M   'P 21 21 21'
#
loop_
_entity.id
_entity.type
_entity.pdbx_description
1 polymer '5-thiohistidine N-methyltransferase OvoM'
2 non-polymer S-ADENOSYLMETHIONINE
3 non-polymer 2-AMINO-2-HYDROXYMETHYL-PROPANE-1,3-DIOL
4 non-polymer 1,2-ETHANEDIOL
5 water water
#
_entity_poly.entity_id   1
_entity_poly.type   'polypeptide(L)'
_entity_poly.pdbx_seq_one_letter_code
;MGSSHHHHHHSSGLVPRGSHMIFKEKNIYETDESVSQYCDFQYGEDCFGVLNFALACATKAIGYTKETPKNRALDLGCAT
GRASFELARSYKHVDGVDYSQAFVDAATELQKNGCIGYSQNGEGELKNYKVIDREGYAFRDSFTKVEFFQGDACNLTPQF
KEYDLIMATNLIDRLYEPRLFLENIHKRINEKGYLILTSPYTWREEYTAKKFWIGGYVDENGKEVSTLEGLKEILEIHFE
LVATEDIPFVIRETSRKFQHTISQMSVWKVIST
;
_entity_poly.pdbx_strand_id   A,B
#
loop_
_chem_comp.id
_chem_comp.type
_chem_comp.name
_chem_comp.formula
EDO non-polymer 1,2-ETHANEDIOL 'C2 H6 O2'
SAM non-polymer S-ADENOSYLMETHIONINE 'C15 H22 N6 O5 S'
TRS non-polymer 2-AMINO-2-HYDROXYMETHYL-PROPANE-1,3-DIOL 'C4 H12 N O3 1'
#
# COMPACT_ATOMS: atom_id res chain seq x y z
N ASN A 27 -13.35 -3.16 6.66
CA ASN A 27 -12.93 -1.75 6.85
C ASN A 27 -14.15 -0.90 7.20
N ILE A 28 -14.15 -0.33 8.40
CA ILE A 28 -15.25 0.57 8.82
C ILE A 28 -15.37 1.73 7.83
N TYR A 29 -14.25 2.19 7.28
CA TYR A 29 -14.27 3.38 6.39
C TYR A 29 -14.96 3.07 5.05
N GLU A 30 -15.30 1.79 4.80
CA GLU A 30 -15.99 1.38 3.54
C GLU A 30 -17.51 1.30 3.76
N THR A 31 -17.98 1.48 5.00
CA THR A 31 -19.43 1.34 5.31
C THR A 31 -20.22 2.62 5.00
N ASP A 32 -21.50 2.47 4.71
CA ASP A 32 -22.30 3.65 4.37
C ASP A 32 -22.50 4.54 5.58
N GLU A 33 -22.62 3.96 6.78
CA GLU A 33 -22.72 4.78 7.99
C GLU A 33 -21.50 5.66 8.16
N SER A 34 -20.33 5.11 7.85
CA SER A 34 -19.10 5.88 7.92
C SER A 34 -19.07 6.96 6.85
N VAL A 35 -19.52 6.63 5.63
CA VAL A 35 -19.64 7.62 4.57
C VAL A 35 -20.57 8.75 5.03
N SER A 36 -21.72 8.38 5.59
CA SER A 36 -22.67 9.39 6.06
C SER A 36 -22.08 10.23 7.18
N GLN A 37 -21.36 9.60 8.11
CA GLN A 37 -20.76 10.34 9.20
C GLN A 37 -19.77 11.38 8.71
N TYR A 38 -18.95 11.04 7.72
CA TYR A 38 -17.96 11.98 7.21
C TYR A 38 -18.57 13.01 6.27
N CYS A 39 -19.64 12.67 5.55
CA CYS A 39 -20.37 13.70 4.81
C CYS A 39 -20.86 14.78 5.76
N ASP A 40 -21.43 14.38 6.90
CA ASP A 40 -21.96 15.32 7.87
C ASP A 40 -20.85 16.16 8.48
N PHE A 41 -19.79 15.50 8.96
CA PHE A 41 -18.63 16.18 9.52
C PHE A 41 -18.02 17.18 8.55
N GLN A 42 -17.91 16.80 7.28
CA GLN A 42 -17.18 17.63 6.32
C GLN A 42 -18.04 18.69 5.65
N TYR A 43 -19.33 18.41 5.47
CA TYR A 43 -20.22 19.27 4.69
C TYR A 43 -21.43 19.76 5.46
N GLY A 44 -21.65 19.27 6.68
CA GLY A 44 -22.81 19.64 7.48
C GLY A 44 -22.58 20.89 8.31
N GLU A 45 -23.51 21.09 9.25
CA GLU A 45 -23.50 22.34 10.07
C GLU A 45 -22.56 22.24 11.26
N ASP A 46 -22.02 23.40 11.65
CA ASP A 46 -21.09 23.47 12.79
C ASP A 46 -21.84 23.26 14.11
N CYS A 47 -21.18 22.62 15.07
CA CYS A 47 -21.77 22.43 16.43
CA CYS A 47 -21.77 22.43 16.43
C CYS A 47 -20.90 22.91 17.63
N PHE A 48 -21.61 23.30 18.69
CA PHE A 48 -20.90 23.76 19.91
C PHE A 48 -19.93 24.93 19.64
N GLY A 49 -20.20 25.72 18.61
CA GLY A 49 -19.35 26.87 18.26
C GLY A 49 -18.09 26.48 17.53
N VAL A 50 -17.96 25.20 17.18
CA VAL A 50 -16.69 24.75 16.55
C VAL A 50 -16.82 24.83 15.02
N LEU A 51 -15.85 25.48 14.40
CA LEU A 51 -15.87 25.66 12.96
C LEU A 51 -15.54 24.37 12.23
N ASN A 52 -16.01 24.29 10.97
CA ASN A 52 -15.75 23.16 10.11
C ASN A 52 -14.26 22.85 10.05
N PHE A 53 -13.92 21.59 10.33
CA PHE A 53 -12.52 21.18 10.51
C PHE A 53 -11.76 21.19 9.19
N ALA A 54 -12.35 20.64 8.13
CA ALA A 54 -11.66 20.57 6.85
C ALA A 54 -11.32 21.96 6.32
N LEU A 55 -12.24 22.91 6.47
CA LEU A 55 -11.96 24.28 6.00
C LEU A 55 -10.89 24.94 6.88
N ALA A 56 -10.97 24.76 8.19
CA ALA A 56 -9.96 25.32 9.07
C ALA A 56 -8.56 24.81 8.72
N CYS A 57 -8.43 23.49 8.52
CA CYS A 57 -7.12 22.93 8.21
C CYS A 57 -6.61 23.42 6.87
N ALA A 58 -7.46 23.37 5.84
CA ALA A 58 -7.03 23.81 4.51
C ALA A 58 -6.67 25.29 4.52
N THR A 59 -7.44 26.09 5.24
CA THR A 59 -7.14 27.52 5.36
C THR A 59 -5.82 27.73 6.07
N LYS A 60 -5.61 27.07 7.21
CA LYS A 60 -4.33 27.20 7.90
C LYS A 60 -3.19 26.68 7.03
N ALA A 61 -3.42 25.61 6.27
CA ALA A 61 -2.36 25.05 5.44
C ALA A 61 -1.97 26.01 4.33
N ILE A 62 -2.95 26.64 3.69
CA ILE A 62 -2.64 27.62 2.64
C ILE A 62 -1.78 28.74 3.20
N GLY A 63 -2.15 29.25 4.37
CA GLY A 63 -1.35 30.29 5.01
C GLY A 63 0.09 29.87 5.26
N TYR A 64 0.28 28.69 5.87
CA TYR A 64 1.64 28.23 6.16
C TYR A 64 2.48 28.09 4.88
N THR A 65 1.84 27.87 3.73
CA THR A 65 2.55 27.65 2.48
C THR A 65 2.44 28.84 1.54
N LYS A 66 2.27 30.05 2.08
CA LYS A 66 2.01 31.22 1.24
C LYS A 66 3.21 31.64 0.42
N GLU A 67 4.42 31.28 0.85
CA GLU A 67 5.61 31.59 0.06
C GLU A 67 5.92 30.54 -1.01
N THR A 68 5.11 29.48 -1.13
CA THR A 68 5.41 28.41 -2.07
C THR A 68 4.66 28.61 -3.38
N PRO A 69 5.13 27.96 -4.45
CA PRO A 69 4.46 28.11 -5.76
C PRO A 69 3.00 27.69 -5.80
N LYS A 70 2.56 26.76 -4.95
CA LYS A 70 1.15 26.37 -4.88
C LYS A 70 0.65 25.81 -6.22
N ASN A 71 1.44 24.91 -6.80
CA ASN A 71 1.05 24.20 -8.02
C ASN A 71 0.34 22.89 -7.73
N ARG A 72 0.83 22.12 -6.76
CA ARG A 72 0.37 20.75 -6.54
C ARG A 72 0.27 20.49 -5.05
N ALA A 73 -0.91 20.02 -4.62
CA ALA A 73 -1.13 19.63 -3.24
C ALA A 73 -1.75 18.23 -3.19
N LEU A 74 -1.50 17.53 -2.10
CA LEU A 74 -2.06 16.21 -1.86
C LEU A 74 -2.80 16.23 -0.53
N ASP A 75 -4.07 15.82 -0.57
CA ASP A 75 -4.90 15.64 0.62
C ASP A 75 -4.98 14.14 0.87
N LEU A 76 -4.19 13.64 1.81
CA LEU A 76 -3.94 12.22 2.03
C LEU A 76 -4.80 11.74 3.18
N GLY A 77 -5.59 10.70 2.94
CA GLY A 77 -6.68 10.37 3.83
C GLY A 77 -7.84 11.33 3.71
N CYS A 78 -8.23 11.66 2.48
CA CYS A 78 -9.14 12.77 2.25
C CYS A 78 -10.58 12.47 2.65
N ALA A 79 -10.93 11.22 2.94
CA ALA A 79 -12.30 10.84 3.24
C ALA A 79 -13.24 11.42 2.17
N THR A 80 -14.30 12.14 2.56
CA THR A 80 -15.27 12.56 1.56
C THR A 80 -14.85 13.84 0.81
N GLY A 81 -13.58 14.25 0.93
CA GLY A 81 -12.95 15.16 -0.01
C GLY A 81 -13.07 16.65 0.26
N ARG A 82 -13.69 17.07 1.38
CA ARG A 82 -13.94 18.49 1.58
C ARG A 82 -12.65 19.32 1.57
N ALA A 83 -11.57 18.80 2.16
CA ALA A 83 -10.34 19.57 2.23
C ALA A 83 -9.64 19.64 0.88
N SER A 84 -9.85 18.65 0.01
CA SER A 84 -9.33 18.72 -1.35
C SER A 84 -9.95 19.88 -2.11
N PHE A 85 -11.28 19.98 -2.10
CA PHE A 85 -11.96 21.10 -2.73
C PHE A 85 -11.45 22.44 -2.21
N GLU A 86 -11.28 22.56 -0.89
CA GLU A 86 -10.84 23.82 -0.32
C GLU A 86 -9.40 24.14 -0.72
N LEU A 87 -8.51 23.14 -0.73
CA LEU A 87 -7.14 23.40 -1.15
C LEU A 87 -7.07 23.83 -2.61
N ALA A 88 -7.99 23.33 -3.43
CA ALA A 88 -8.03 23.69 -4.85
C ALA A 88 -8.41 25.15 -5.08
N ARG A 89 -8.94 25.85 -4.09
CA ARG A 89 -9.19 27.28 -4.27
C ARG A 89 -7.90 28.07 -4.35
N SER A 90 -6.79 27.51 -3.89
CA SER A 90 -5.49 28.16 -3.93
C SER A 90 -4.47 27.44 -4.77
N TYR A 91 -4.60 26.13 -4.96
CA TYR A 91 -3.61 25.35 -5.68
C TYR A 91 -4.10 25.07 -7.10
N LYS A 92 -3.14 24.91 -8.01
CA LYS A 92 -3.52 24.65 -9.40
C LYS A 92 -4.05 23.24 -9.60
N HIS A 93 -3.54 22.27 -8.83
CA HIS A 93 -4.02 20.90 -8.88
C HIS A 93 -3.98 20.29 -7.49
N VAL A 94 -5.02 19.54 -7.14
CA VAL A 94 -5.10 18.84 -5.87
C VAL A 94 -5.47 17.39 -6.14
N ASP A 95 -4.68 16.47 -5.58
CA ASP A 95 -5.03 15.06 -5.55
C ASP A 95 -5.62 14.75 -4.18
N GLY A 96 -6.78 14.12 -4.18
CA GLY A 96 -7.38 13.62 -2.96
C GLY A 96 -7.27 12.11 -2.96
N VAL A 97 -6.61 11.54 -1.97
CA VAL A 97 -6.36 10.11 -1.92
C VAL A 97 -6.89 9.56 -0.60
N ASP A 98 -7.55 8.41 -0.65
CA ASP A 98 -7.99 7.73 0.55
C ASP A 98 -8.01 6.24 0.29
N TYR A 99 -7.75 5.46 1.34
CA TYR A 99 -7.77 4.01 1.22
C TYR A 99 -9.18 3.47 1.01
N SER A 100 -10.21 4.20 1.40
CA SER A 100 -11.59 3.75 1.30
C SER A 100 -12.15 4.10 -0.08
N GLN A 101 -12.54 3.09 -0.85
CA GLN A 101 -13.20 3.33 -2.14
C GLN A 101 -14.55 4.00 -1.92
N ALA A 102 -15.25 3.62 -0.86
CA ALA A 102 -16.52 4.26 -0.52
C ALA A 102 -16.34 5.77 -0.34
N PHE A 103 -15.29 6.17 0.37
CA PHE A 103 -15.02 7.61 0.52
C PHE A 103 -14.71 8.24 -0.83
N VAL A 104 -13.91 7.56 -1.66
CA VAL A 104 -13.52 8.11 -2.95
C VAL A 104 -14.72 8.26 -3.86
N ASP A 105 -15.59 7.24 -3.89
CA ASP A 105 -16.80 7.31 -4.71
C ASP A 105 -17.67 8.51 -4.31
N ALA A 106 -17.85 8.70 -2.99
CA ALA A 106 -18.69 9.80 -2.52
C ALA A 106 -18.13 11.15 -2.95
N ALA A 107 -16.82 11.34 -2.76
CA ALA A 107 -16.19 12.59 -3.16
C ALA A 107 -16.33 12.81 -4.67
N THR A 108 -16.07 11.75 -5.44
CA THR A 108 -16.19 11.85 -6.90
C THR A 108 -17.62 12.13 -7.32
N GLU A 109 -18.60 11.49 -6.67
CA GLU A 109 -20.00 11.71 -7.01
C GLU A 109 -20.40 13.16 -6.77
N LEU A 110 -19.98 13.73 -5.65
CA LEU A 110 -20.27 15.13 -5.39
C LEU A 110 -19.58 16.02 -6.41
N GLN A 111 -18.33 15.70 -6.76
CA GLN A 111 -17.60 16.52 -7.71
C GLN A 111 -18.27 16.50 -9.08
N LYS A 112 -18.64 15.31 -9.57
CA LYS A 112 -19.14 15.16 -10.92
C LYS A 112 -20.65 15.34 -11.05
N ASN A 113 -21.45 14.79 -10.14
CA ASN A 113 -22.89 15.02 -10.20
C ASN A 113 -23.33 16.36 -9.62
N GLY A 114 -22.55 16.97 -8.74
CA GLY A 114 -22.92 18.23 -8.13
C GLY A 114 -23.74 18.11 -6.87
N CYS A 115 -24.13 16.90 -6.49
CA CYS A 115 -24.86 16.70 -5.25
C CYS A 115 -24.66 15.27 -4.78
N ILE A 116 -24.83 15.07 -3.49
CA ILE A 116 -24.86 13.74 -2.90
C ILE A 116 -25.76 13.82 -1.69
N GLY A 117 -26.42 12.71 -1.38
CA GLY A 117 -27.25 12.62 -0.22
C GLY A 117 -26.57 11.83 0.88
N TYR A 118 -27.05 12.01 2.11
CA TYR A 118 -26.53 11.22 3.21
C TYR A 118 -27.56 11.16 4.32
N SER A 119 -27.39 10.18 5.20
CA SER A 119 -28.28 9.95 6.33
C SER A 119 -27.64 10.49 7.59
N GLN A 120 -28.28 11.47 8.20
CA GLN A 120 -27.86 11.99 9.48
C GLN A 120 -28.52 11.19 10.61
N ASN A 121 -27.75 10.89 11.64
CA ASN A 121 -28.25 10.06 12.72
C ASN A 121 -29.06 10.88 13.72
N GLY A 122 -30.10 10.27 14.28
CA GLY A 122 -30.94 10.86 15.29
C GLY A 122 -30.99 9.97 16.51
N GLU A 123 -32.18 9.90 17.13
CA GLU A 123 -32.38 9.01 18.27
C GLU A 123 -32.32 7.56 17.83
N GLY A 124 -31.50 6.78 18.51
CA GLY A 124 -31.48 5.35 18.25
C GLY A 124 -31.06 5.06 16.83
N GLU A 125 -31.91 4.31 16.11
CA GLU A 125 -31.67 3.97 14.72
C GLU A 125 -32.25 4.99 13.74
N LEU A 126 -32.83 6.08 14.22
CA LEU A 126 -33.53 7.01 13.32
C LEU A 126 -32.54 7.83 12.50
N LYS A 127 -32.89 8.09 11.25
CA LYS A 127 -32.05 8.84 10.33
C LYS A 127 -32.82 9.98 9.68
N ASN A 128 -32.09 11.05 9.37
CA ASN A 128 -32.61 12.23 8.69
C ASN A 128 -31.86 12.41 7.38
N TYR A 129 -32.58 12.36 6.27
CA TYR A 129 -31.95 12.54 4.97
C TYR A 129 -31.53 13.98 4.78
N LYS A 130 -30.30 14.19 4.30
CA LYS A 130 -29.79 15.51 3.98
C LYS A 130 -29.15 15.48 2.61
N VAL A 131 -29.07 16.65 1.97
CA VAL A 131 -28.44 16.81 0.67
C VAL A 131 -27.24 17.74 0.79
N ILE A 132 -26.13 17.36 0.17
CA ILE A 132 -24.98 18.23 -0.02
C ILE A 132 -25.00 18.74 -1.45
N ASP A 133 -25.07 20.06 -1.62
CA ASP A 133 -25.11 20.65 -2.95
C ASP A 133 -23.78 21.36 -3.22
N ARG A 134 -23.02 20.83 -4.18
CA ARG A 134 -21.72 21.39 -4.51
C ARG A 134 -21.80 22.89 -4.78
N GLU A 135 -22.91 23.33 -5.37
CA GLU A 135 -23.07 24.72 -5.76
C GLU A 135 -23.43 25.63 -4.59
N GLY A 136 -23.70 25.07 -3.41
CA GLY A 136 -23.89 25.89 -2.23
C GLY A 136 -22.63 26.30 -1.50
N TYR A 137 -21.46 25.90 -2.00
CA TYR A 137 -20.18 26.18 -1.29
C TYR A 137 -19.25 27.02 -2.16
N ALA A 138 -18.44 27.85 -1.54
CA ALA A 138 -17.46 28.69 -2.27
C ALA A 138 -16.50 27.83 -3.13
N PHE A 139 -16.19 26.61 -2.71
CA PHE A 139 -15.22 25.75 -3.44
C PHE A 139 -15.78 25.36 -4.82
N ARG A 140 -17.01 25.73 -5.13
CA ARG A 140 -17.65 25.44 -6.45
C ARG A 140 -16.84 26.09 -7.57
N ASP A 141 -15.98 27.06 -7.24
CA ASP A 141 -15.17 27.78 -8.25
C ASP A 141 -13.89 27.00 -8.61
N SER A 142 -13.63 25.87 -7.95
CA SER A 142 -12.34 25.18 -8.16
C SER A 142 -12.45 23.65 -8.18
N PHE A 143 -13.64 23.08 -8.30
CA PHE A 143 -13.75 21.63 -8.12
C PHE A 143 -13.20 20.83 -9.29
N THR A 144 -13.00 21.46 -10.45
CA THR A 144 -12.39 20.76 -11.58
C THR A 144 -10.88 20.62 -11.43
N LYS A 145 -10.26 21.32 -10.48
CA LYS A 145 -8.83 21.19 -10.22
C LYS A 145 -8.51 20.05 -9.26
N VAL A 146 -9.49 19.20 -8.92
CA VAL A 146 -9.30 18.09 -7.99
C VAL A 146 -9.45 16.79 -8.75
N GLU A 147 -8.67 15.80 -8.34
CA GLU A 147 -8.84 14.41 -8.77
C GLU A 147 -8.75 13.50 -7.55
N PHE A 148 -9.75 12.64 -7.40
CA PHE A 148 -9.81 11.70 -6.27
C PHE A 148 -9.34 10.32 -6.68
N PHE A 149 -8.58 9.67 -5.81
CA PHE A 149 -8.06 8.33 -6.07
C PHE A 149 -8.15 7.48 -4.82
N GLN A 150 -8.38 6.19 -5.02
CA GLN A 150 -8.11 5.23 -3.96
C GLN A 150 -6.61 4.93 -3.92
N GLY A 151 -6.06 4.85 -2.71
CA GLY A 151 -4.64 4.56 -2.56
C GLY A 151 -4.26 4.41 -1.11
N ASP A 152 -3.07 3.87 -0.88
CA ASP A 152 -2.55 3.58 0.44
C ASP A 152 -1.44 4.56 0.78
N ALA A 153 -1.65 5.34 1.84
CA ALA A 153 -0.66 6.32 2.30
C ALA A 153 0.64 5.66 2.71
N CYS A 154 0.59 4.42 3.16
CA CYS A 154 1.81 3.73 3.58
C CYS A 154 2.61 3.17 2.41
N ASN A 155 2.10 3.28 1.19
CA ASN A 155 2.75 2.72 0.00
C ASN A 155 2.14 3.34 -1.25
N LEU A 156 2.36 4.63 -1.45
CA LEU A 156 1.72 5.35 -2.54
C LEU A 156 2.36 4.96 -3.87
N THR A 157 1.54 4.91 -4.92
CA THR A 157 2.09 4.67 -6.25
C THR A 157 2.93 5.86 -6.70
N PRO A 158 3.80 5.68 -7.71
CA PRO A 158 4.78 6.73 -8.02
C PRO A 158 4.19 8.02 -8.58
N GLN A 159 3.00 7.99 -9.17
CA GLN A 159 2.48 9.21 -9.79
C GLN A 159 2.23 10.31 -8.78
N PHE A 160 2.13 9.98 -7.49
CA PHE A 160 1.79 10.96 -6.47
C PHE A 160 3.09 11.57 -5.94
N LYS A 161 3.58 12.57 -6.66
CA LYS A 161 4.89 13.13 -6.38
C LYS A 161 4.88 14.61 -6.70
N GLU A 162 6.00 15.25 -6.40
CA GLU A 162 6.26 16.63 -6.79
C GLU A 162 5.18 17.57 -6.27
N TYR A 163 4.92 17.50 -4.97
CA TYR A 163 3.92 18.31 -4.31
C TYR A 163 4.57 19.48 -3.60
N ASP A 164 3.94 20.64 -3.70
CA ASP A 164 4.32 21.76 -2.85
C ASP A 164 3.81 21.57 -1.44
N LEU A 165 2.65 20.93 -1.29
CA LEU A 165 2.03 20.68 0.00
C LEU A 165 1.50 19.26 0.04
N ILE A 166 1.77 18.55 1.12
CA ILE A 166 1.09 17.31 1.43
C ILE A 166 0.46 17.47 2.80
N MET A 167 -0.87 17.42 2.83
CA MET A 167 -1.62 17.59 4.05
C MET A 167 -2.31 16.28 4.40
N ALA A 168 -2.10 15.81 5.63
CA ALA A 168 -2.69 14.55 6.10
C ALA A 168 -3.31 14.80 7.46
N THR A 169 -4.60 15.09 7.48
CA THR A 169 -5.28 15.46 8.72
C THR A 169 -5.87 14.21 9.35
N ASN A 170 -5.50 13.96 10.60
CA ASN A 170 -6.01 12.83 11.39
C ASN A 170 -5.79 11.49 10.68
N LEU A 171 -4.62 11.33 10.08
CA LEU A 171 -4.27 10.13 9.34
C LEU A 171 -3.39 9.17 10.13
N ILE A 172 -2.33 9.67 10.78
CA ILE A 172 -1.26 8.79 11.22
C ILE A 172 -1.74 7.79 12.26
N ASP A 173 -2.65 8.21 13.16
CA ASP A 173 -3.17 7.27 14.15
C ASP A 173 -4.27 6.36 13.60
N ARG A 174 -4.47 6.35 12.27
CA ARG A 174 -5.28 5.33 11.62
C ARG A 174 -4.46 4.44 10.69
N LEU A 175 -3.14 4.60 10.71
CA LEU A 175 -2.26 3.84 9.78
C LEU A 175 -1.76 2.53 10.38
N TYR A 176 -1.77 1.44 9.60
CA TYR A 176 -1.26 0.13 10.05
C TYR A 176 0.22 0.22 10.44
N GLU A 177 1.02 0.94 9.65
CA GLU A 177 2.43 1.19 10.04
C GLU A 177 2.79 2.62 9.61
N PRO A 178 2.57 3.61 10.49
CA PRO A 178 2.83 5.02 10.17
C PRO A 178 4.23 5.35 9.62
N ARG A 179 5.27 4.66 10.07
CA ARG A 179 6.64 4.89 9.51
CA ARG A 179 6.65 4.88 9.51
C ARG A 179 6.83 4.71 7.98
N LEU A 180 6.06 3.76 7.46
CA LEU A 180 6.10 3.53 5.99
C LEU A 180 5.73 4.82 5.27
N PHE A 181 4.79 5.57 5.82
CA PHE A 181 4.40 6.88 5.23
C PHE A 181 5.41 7.94 5.66
N LEU A 182 5.58 8.13 6.95
CA LEU A 182 6.41 9.26 7.47
C LEU A 182 7.86 9.21 7.00
N GLU A 183 8.49 8.04 7.04
CA GLU A 183 9.91 7.99 6.71
C GLU A 183 10.18 8.24 5.23
N ASN A 184 9.17 8.09 4.38
CA ASN A 184 9.34 8.18 2.93
C ASN A 184 8.67 9.39 2.30
N ILE A 185 7.79 10.10 3.02
CA ILE A 185 6.95 11.10 2.36
C ILE A 185 7.77 12.27 1.80
N HIS A 186 8.97 12.53 2.34
CA HIS A 186 9.78 13.63 1.84
C HIS A 186 10.15 13.46 0.36
N LYS A 187 10.18 12.21 -0.13
CA LYS A 187 10.48 11.99 -1.54
C LYS A 187 9.35 12.43 -2.46
N ARG A 188 8.19 12.79 -1.92
CA ARG A 188 7.05 13.22 -2.74
C ARG A 188 6.81 14.71 -2.69
N ILE A 189 7.62 15.45 -1.94
CA ILE A 189 7.45 16.90 -1.75
C ILE A 189 8.60 17.62 -2.42
N ASN A 190 8.30 18.73 -3.08
CA ASN A 190 9.34 19.54 -3.69
C ASN A 190 10.21 20.21 -2.62
N GLU A 191 11.41 20.60 -3.03
CA GLU A 191 12.29 21.38 -2.16
C GLU A 191 11.57 22.63 -1.68
N LYS A 192 11.76 22.96 -0.40
CA LYS A 192 11.07 24.05 0.29
C LYS A 192 9.57 23.82 0.40
N GLY A 193 9.08 22.64 0.03
CA GLY A 193 7.69 22.29 0.23
C GLY A 193 7.38 21.95 1.68
N TYR A 194 6.13 21.59 1.91
CA TYR A 194 5.59 21.42 3.25
C TYR A 194 4.84 20.10 3.39
N LEU A 195 5.01 19.47 4.55
CA LEU A 195 4.14 18.39 5.01
C LEU A 195 3.40 18.94 6.23
N ILE A 196 2.07 18.91 6.19
CA ILE A 196 1.25 19.38 7.29
C ILE A 196 0.42 18.22 7.81
N LEU A 197 0.61 17.89 9.07
CA LEU A 197 -0.10 16.81 9.73
C LEU A 197 -1.01 17.39 10.79
N THR A 198 -2.08 16.68 11.07
CA THR A 198 -2.80 16.87 12.32
C THR A 198 -3.14 15.51 12.88
N SER A 199 -3.24 15.45 14.20
CA SER A 199 -3.70 14.22 14.82
C SER A 199 -4.07 14.49 16.26
N PRO A 200 -5.14 13.86 16.77
CA PRO A 200 -5.37 13.83 18.21
C PRO A 200 -4.58 12.75 18.93
N TYR A 201 -3.78 11.95 18.22
CA TYR A 201 -2.89 10.98 18.84
C TYR A 201 -3.65 9.89 19.59
N THR A 202 -4.79 9.48 19.03
CA THR A 202 -5.62 8.44 19.61
C THR A 202 -5.18 7.07 19.06
N TRP A 203 -3.99 6.65 19.48
CA TRP A 203 -3.48 5.35 19.05
C TRP A 203 -4.33 4.24 19.64
N ARG A 204 -4.74 3.29 18.80
CA ARG A 204 -5.52 2.14 19.23
C ARG A 204 -5.08 0.91 18.45
N GLU A 205 -5.10 -0.24 19.11
CA GLU A 205 -4.62 -1.46 18.47
C GLU A 205 -5.52 -1.91 17.34
N GLU A 206 -6.80 -1.51 17.33
CA GLU A 206 -7.65 -1.85 16.20
C GLU A 206 -7.17 -1.22 14.90
N TYR A 207 -6.38 -0.15 14.98
CA TYR A 207 -5.83 0.50 13.79
C TYR A 207 -4.33 0.29 13.62
N THR A 208 -3.60 0.33 14.72
CA THR A 208 -2.14 0.25 14.65
C THR A 208 -1.63 -0.65 15.78
N ALA A 209 -0.85 -1.67 15.46
CA ALA A 209 -0.23 -2.47 16.53
C ALA A 209 0.61 -1.54 17.42
N LYS A 210 0.59 -1.77 18.74
CA LYS A 210 1.29 -0.88 19.70
C LYS A 210 2.75 -0.65 19.32
N LYS A 211 3.45 -1.70 18.88
CA LYS A 211 4.88 -1.57 18.49
C LYS A 211 5.06 -0.47 17.45
N PHE A 212 4.00 -0.12 16.72
CA PHE A 212 4.11 0.90 15.64
C PHE A 212 3.53 2.26 16.07
N TRP A 213 2.99 2.39 17.28
CA TRP A 213 2.54 3.71 17.71
C TRP A 213 3.72 4.68 17.70
N ILE A 214 3.51 5.86 17.12
CA ILE A 214 4.56 6.87 17.10
C ILE A 214 4.77 7.48 18.48
N GLY A 215 3.73 7.50 19.31
CA GLY A 215 3.83 8.04 20.65
C GLY A 215 2.74 7.45 21.52
N GLY A 216 2.58 8.04 22.70
CA GLY A 216 1.63 7.53 23.66
C GLY A 216 1.99 6.17 24.22
N TYR A 217 3.28 5.93 24.48
CA TYR A 217 3.69 4.67 25.08
C TYR A 217 4.90 4.89 25.99
N VAL A 218 5.10 3.97 26.90
CA VAL A 218 6.31 3.90 27.71
C VAL A 218 7.29 3.00 26.99
N ASP A 219 8.48 3.51 26.69
CA ASP A 219 9.45 2.74 25.94
C ASP A 219 10.13 1.71 26.86
N GLU A 220 11.10 0.98 26.31
CA GLU A 220 11.72 -0.14 27.03
C GLU A 220 12.59 0.34 28.19
N ASN A 221 12.83 1.64 28.30
CA ASN A 221 13.63 2.21 29.37
C ASN A 221 12.80 3.06 30.33
N GLY A 222 11.49 2.86 30.35
CA GLY A 222 10.63 3.54 31.30
C GLY A 222 10.38 5.01 31.04
N LYS A 223 10.71 5.50 29.84
CA LYS A 223 10.46 6.89 29.47
C LYS A 223 9.12 6.99 28.72
N GLU A 224 8.38 8.06 28.96
CA GLU A 224 7.11 8.26 28.29
C GLU A 224 7.37 8.98 26.96
N VAL A 225 6.93 8.36 25.86
CA VAL A 225 7.15 8.90 24.52
C VAL A 225 5.89 9.62 24.07
N SER A 226 6.01 10.91 23.80
CA SER A 226 4.92 11.67 23.21
C SER A 226 4.97 11.54 21.70
N THR A 227 3.79 11.61 21.07
CA THR A 227 3.75 11.42 19.62
C THR A 227 4.53 12.52 18.90
N LEU A 228 4.45 13.76 19.38
CA LEU A 228 5.17 14.83 18.70
C LEU A 228 6.68 14.60 18.79
N GLU A 229 7.17 14.13 19.94
CA GLU A 229 8.57 13.74 20.06
C GLU A 229 8.90 12.64 19.04
N GLY A 230 8.09 11.59 18.98
CA GLY A 230 8.31 10.56 17.98
C GLY A 230 8.27 11.08 16.57
N LEU A 231 7.44 12.11 16.33
CA LEU A 231 7.38 12.70 15.00
C LEU A 231 8.65 13.50 14.69
N LYS A 232 9.12 14.26 15.67
CA LYS A 232 10.39 14.97 15.48
C LYS A 232 11.50 13.99 15.13
N GLU A 233 11.58 12.87 15.85
CA GLU A 233 12.64 11.90 15.61
C GLU A 233 12.60 11.38 14.18
N ILE A 234 11.40 11.09 13.65
CA ILE A 234 11.30 10.61 12.27
C ILE A 234 11.52 11.74 11.28
N LEU A 235 10.89 12.90 11.50
CA LEU A 235 10.80 13.89 10.44
C LEU A 235 11.97 14.88 10.42
N GLU A 236 12.72 15.03 11.52
CA GLU A 236 13.76 16.04 11.49
C GLU A 236 14.98 15.61 10.67
N ILE A 237 14.97 14.38 10.13
CA ILE A 237 15.99 13.98 9.18
C ILE A 237 15.86 14.78 7.88
N HIS A 238 14.64 15.05 7.43
CA HIS A 238 14.44 15.76 6.17
C HIS A 238 13.58 17.01 6.30
N PHE A 239 13.01 17.28 7.47
CA PHE A 239 12.11 18.41 7.66
C PHE A 239 12.60 19.27 8.81
N GLU A 240 12.19 20.53 8.79
CA GLU A 240 12.28 21.40 9.94
C GLU A 240 10.87 21.65 10.45
N LEU A 241 10.68 21.59 11.76
CA LEU A 241 9.37 21.84 12.35
C LEU A 241 9.14 23.34 12.45
N VAL A 242 8.09 23.83 11.80
CA VAL A 242 7.85 25.27 11.71
C VAL A 242 6.85 25.76 12.74
N ALA A 243 5.83 24.96 13.05
CA ALA A 243 4.76 25.44 13.91
C ALA A 243 3.92 24.26 14.38
N THR A 244 3.29 24.44 15.53
CA THR A 244 2.23 23.57 16.00
C THR A 244 1.06 24.45 16.42
N GLU A 245 -0.14 23.88 16.34
CA GLU A 245 -1.30 24.57 16.88
C GLU A 245 -2.39 23.55 17.12
N ASP A 246 -3.23 23.82 18.11
CA ASP A 246 -4.36 22.98 18.45
C ASP A 246 -5.58 23.42 17.66
N ILE A 247 -6.28 22.45 17.05
CA ILE A 247 -7.47 22.73 16.24
C ILE A 247 -8.61 21.83 16.69
N PRO A 248 -9.65 22.37 17.32
CA PRO A 248 -10.77 21.54 17.76
C PRO A 248 -11.64 21.08 16.59
N PHE A 249 -12.34 19.96 16.81
CA PHE A 249 -13.35 19.53 15.87
C PHE A 249 -14.41 18.75 16.63
N VAL A 250 -15.62 18.76 16.06
CA VAL A 250 -16.76 18.04 16.60
C VAL A 250 -17.30 17.17 15.48
N ILE A 251 -17.52 15.89 15.77
CA ILE A 251 -18.08 14.97 14.79
C ILE A 251 -19.31 14.32 15.42
N ARG A 252 -20.43 14.38 14.71
CA ARG A 252 -21.70 13.90 15.24
C ARG A 252 -21.74 12.38 15.25
N GLU A 253 -22.30 11.83 16.32
CA GLU A 253 -22.62 10.41 16.37
C GLU A 253 -24.11 10.17 16.36
N THR A 254 -24.86 10.92 17.17
CA THR A 254 -26.32 11.02 17.07
C THR A 254 -26.70 12.49 17.17
N SER A 255 -28.01 12.75 17.16
CA SER A 255 -28.49 14.11 17.31
C SER A 255 -28.15 14.69 18.67
N ARG A 256 -27.83 13.85 19.65
CA ARG A 256 -27.47 14.30 20.98
C ARG A 256 -26.06 13.94 21.42
N LYS A 257 -25.40 13.00 20.75
CA LYS A 257 -24.09 12.51 21.18
C LYS A 257 -23.03 12.88 20.15
N PHE A 258 -21.97 13.54 20.61
CA PHE A 258 -20.89 13.99 19.72
C PHE A 258 -19.53 13.63 20.31
N GLN A 259 -18.54 13.57 19.43
CA GLN A 259 -17.15 13.55 19.83
C GLN A 259 -16.58 14.94 19.65
N HIS A 260 -15.93 15.46 20.68
CA HIS A 260 -15.34 16.81 20.69
C HIS A 260 -13.87 16.63 21.03
N THR A 261 -13.00 16.94 20.07
CA THR A 261 -11.61 16.53 20.10
C THR A 261 -10.70 17.70 19.72
N ILE A 262 -9.50 17.71 20.29
CA ILE A 262 -8.51 18.74 20.02
C ILE A 262 -7.37 18.03 19.28
N SER A 263 -7.31 18.22 17.97
CA SER A 263 -6.25 17.65 17.16
C SER A 263 -5.07 18.62 17.13
N GLN A 264 -3.86 18.08 17.06
CA GLN A 264 -2.68 18.92 17.00
C GLN A 264 -2.15 18.94 15.57
N MET A 265 -2.09 20.14 14.99
CA MET A 265 -1.48 20.36 13.70
C MET A 265 0.02 20.59 13.89
N SER A 266 0.84 19.95 13.06
CA SER A 266 2.27 20.21 13.04
C SER A 266 2.69 20.45 11.59
N VAL A 267 3.53 21.47 11.40
CA VAL A 267 3.88 22.00 10.08
C VAL A 267 5.38 21.76 9.86
N TRP A 268 5.71 21.03 8.80
CA TRP A 268 7.08 20.59 8.55
C TRP A 268 7.53 21.08 7.17
N LYS A 269 8.65 21.79 7.14
CA LYS A 269 9.23 22.30 5.90
C LYS A 269 10.39 21.41 5.47
N VAL A 270 10.35 20.97 4.22
CA VAL A 270 11.43 20.15 3.67
C VAL A 270 12.76 20.88 3.81
N ILE A 271 13.76 20.16 4.29
CA ILE A 271 15.08 20.74 4.53
C ILE A 271 15.97 20.63 3.29
N ILE B 28 -6.97 -7.39 -28.59
CA ILE B 28 -5.55 -7.69 -28.25
C ILE B 28 -5.10 -6.83 -27.07
N TYR B 29 -5.25 -7.36 -25.86
CA TYR B 29 -4.78 -6.61 -24.66
C TYR B 29 -3.28 -6.33 -24.80
N GLU B 30 -2.89 -5.06 -24.64
CA GLU B 30 -1.48 -4.68 -24.81
C GLU B 30 -0.86 -4.23 -23.48
N THR B 31 0.24 -4.87 -23.08
CA THR B 31 0.94 -4.50 -21.81
C THR B 31 2.04 -3.47 -22.04
N ASP B 32 2.49 -2.78 -20.98
CA ASP B 32 3.55 -1.73 -21.05
C ASP B 32 4.94 -2.32 -20.79
N GLU B 33 5.97 -1.48 -20.68
CA GLU B 33 7.38 -1.97 -20.58
C GLU B 33 7.64 -2.80 -19.32
N SER B 34 7.27 -2.28 -18.16
CA SER B 34 7.48 -3.02 -16.89
C SER B 34 6.72 -4.35 -16.95
N VAL B 35 5.44 -4.30 -17.33
CA VAL B 35 4.61 -5.53 -17.43
C VAL B 35 5.17 -6.41 -18.54
N SER B 36 5.59 -5.80 -19.66
CA SER B 36 6.13 -6.58 -20.81
C SER B 36 7.36 -7.37 -20.38
N GLN B 37 8.20 -6.78 -19.55
CA GLN B 37 9.44 -7.46 -19.08
C GLN B 37 9.04 -8.73 -18.32
N TYR B 38 8.04 -8.60 -17.45
CA TYR B 38 7.57 -9.79 -16.69
C TYR B 38 6.79 -10.73 -17.61
N CYS B 39 6.05 -10.20 -18.58
CA CYS B 39 5.42 -11.08 -19.57
C CYS B 39 6.45 -11.93 -20.27
N ASP B 40 7.54 -11.29 -20.72
CA ASP B 40 8.61 -12.00 -21.40
C ASP B 40 9.30 -12.97 -20.45
N PHE B 41 9.62 -12.49 -19.24
CA PHE B 41 10.29 -13.32 -18.26
C PHE B 41 9.45 -14.54 -17.88
N GLN B 42 8.17 -14.33 -17.66
CA GLN B 42 7.35 -15.40 -17.12
C GLN B 42 6.77 -16.32 -18.18
N TYR B 43 6.58 -15.83 -19.41
CA TYR B 43 5.91 -16.62 -20.43
C TYR B 43 6.73 -16.80 -21.70
N GLY B 44 7.87 -16.11 -21.84
CA GLY B 44 8.68 -16.17 -23.03
C GLY B 44 9.62 -17.36 -23.04
N GLU B 45 10.59 -17.30 -23.94
CA GLU B 45 11.48 -18.43 -24.18
C GLU B 45 12.59 -18.48 -23.13
N ASP B 46 13.06 -19.68 -22.84
CA ASP B 46 14.13 -19.87 -21.89
C ASP B 46 15.43 -19.30 -22.43
N CYS B 47 16.09 -18.45 -21.66
CA CYS B 47 17.33 -17.83 -22.09
C CYS B 47 18.52 -18.59 -21.51
N PHE B 48 19.58 -18.73 -22.32
CA PHE B 48 20.84 -19.34 -21.89
C PHE B 48 20.65 -20.73 -21.29
N GLY B 49 19.60 -21.42 -21.71
CA GLY B 49 19.34 -22.75 -21.21
C GLY B 49 18.76 -22.81 -19.82
N VAL B 50 18.33 -21.70 -19.26
CA VAL B 50 17.83 -21.67 -17.89
C VAL B 50 16.33 -21.92 -17.89
N LEU B 51 15.90 -22.90 -17.08
CA LEU B 51 14.49 -23.22 -16.95
C LEU B 51 13.69 -22.00 -16.52
N ASN B 52 12.45 -21.90 -17.01
CA ASN B 52 11.55 -20.83 -16.62
C ASN B 52 11.46 -20.75 -15.10
N PHE B 53 11.69 -19.54 -14.57
CA PHE B 53 11.79 -19.36 -13.12
C PHE B 53 10.48 -19.67 -12.43
N ALA B 54 9.37 -19.15 -12.95
CA ALA B 54 8.08 -19.36 -12.29
C ALA B 54 7.72 -20.85 -12.26
N LEU B 55 7.90 -21.54 -13.38
CA LEU B 55 7.66 -22.98 -13.41
C LEU B 55 8.57 -23.71 -12.41
N ALA B 56 9.85 -23.35 -12.37
CA ALA B 56 10.79 -24.01 -11.47
C ALA B 56 10.39 -23.81 -10.01
N CYS B 57 10.01 -22.58 -9.64
CA CYS B 57 9.60 -22.30 -8.27
C CYS B 57 8.32 -23.05 -7.91
N ALA B 58 7.33 -23.05 -8.81
CA ALA B 58 6.10 -23.75 -8.50
C ALA B 58 6.33 -25.25 -8.38
N THR B 59 7.13 -25.79 -9.30
CA THR B 59 7.44 -27.22 -9.27
C THR B 59 8.14 -27.59 -7.98
N LYS B 60 9.09 -26.76 -7.54
CA LYS B 60 9.80 -27.06 -6.31
C LYS B 60 8.88 -26.96 -5.11
N ALA B 61 7.99 -25.96 -5.12
CA ALA B 61 7.03 -25.80 -4.02
C ALA B 61 6.14 -27.02 -3.92
N ILE B 62 5.62 -27.50 -5.05
CA ILE B 62 4.80 -28.69 -5.06
C ILE B 62 5.58 -29.87 -4.47
N GLY B 63 6.86 -29.98 -4.83
CA GLY B 63 7.66 -31.07 -4.31
C GLY B 63 7.87 -30.99 -2.81
N TYR B 64 8.06 -29.78 -2.29
CA TYR B 64 8.30 -29.62 -0.85
C TYR B 64 7.04 -29.80 -0.01
N THR B 65 5.86 -29.75 -0.64
CA THR B 65 4.59 -29.79 0.07
C THR B 65 3.82 -31.07 -0.22
N LYS B 66 4.53 -32.15 -0.55
CA LYS B 66 3.84 -33.32 -1.09
C LYS B 66 3.05 -34.07 -0.03
N GLU B 67 3.30 -33.81 1.25
CA GLU B 67 2.52 -34.44 2.31
C GLU B 67 1.57 -33.45 2.98
N THR B 68 1.33 -32.30 2.35
CA THR B 68 0.38 -31.32 2.86
C THR B 68 -0.93 -31.45 2.13
N PRO B 69 -2.02 -30.95 2.73
CA PRO B 69 -3.25 -30.79 1.95
C PRO B 69 -2.98 -29.86 0.79
N LYS B 70 -3.76 -30.04 -0.27
CA LYS B 70 -3.50 -29.31 -1.50
C LYS B 70 -4.71 -28.44 -1.83
N ASN B 71 -5.22 -27.69 -0.85
CA ASN B 71 -6.45 -26.94 -1.05
C ASN B 71 -6.25 -25.48 -1.41
N ARG B 72 -5.30 -24.78 -0.78
CA ARG B 72 -5.20 -23.34 -0.95
C ARG B 72 -3.74 -22.90 -0.98
N ALA B 73 -3.38 -22.13 -2.02
CA ALA B 73 -2.04 -21.58 -2.16
C ALA B 73 -2.11 -20.10 -2.50
N LEU B 74 -1.21 -19.32 -1.91
CA LEU B 74 -1.08 -17.91 -2.19
C LEU B 74 0.25 -17.63 -2.87
N ASP B 75 0.20 -16.99 -4.04
CA ASP B 75 1.39 -16.56 -4.78
C ASP B 75 1.49 -15.05 -4.59
N LEU B 76 2.32 -14.64 -3.63
CA LEU B 76 2.37 -13.28 -3.13
C LEU B 76 3.45 -12.51 -3.88
N GLY B 77 3.07 -11.41 -4.52
CA GLY B 77 3.97 -10.78 -5.46
C GLY B 77 4.02 -11.54 -6.77
N CYS B 78 2.83 -11.89 -7.30
CA CYS B 78 2.71 -12.82 -8.41
C CYS B 78 3.06 -12.21 -9.76
N ALA B 79 3.24 -10.89 -9.82
CA ALA B 79 3.50 -10.20 -11.08
C ALA B 79 2.48 -10.64 -12.12
N THR B 80 2.94 -11.13 -13.26
CA THR B 80 2.03 -11.48 -14.34
C THR B 80 1.44 -12.89 -14.21
N GLY B 81 1.67 -13.56 -13.08
CA GLY B 81 0.82 -14.67 -12.66
C GLY B 81 1.23 -16.08 -13.06
N ARG B 82 2.37 -16.25 -13.76
CA ARG B 82 2.73 -17.58 -14.24
C ARG B 82 2.81 -18.62 -13.12
N ALA B 83 3.37 -18.23 -11.96
CA ALA B 83 3.50 -19.22 -10.89
C ALA B 83 2.15 -19.56 -10.27
N SER B 84 1.20 -18.62 -10.31
CA SER B 84 -0.16 -18.93 -9.86
C SER B 84 -0.78 -20.00 -10.73
N PHE B 85 -0.71 -19.81 -12.04
CA PHE B 85 -1.22 -20.81 -12.98
C PHE B 85 -0.54 -22.16 -12.74
N GLU B 86 0.79 -22.15 -12.59
CA GLU B 86 1.50 -23.41 -12.38
C GLU B 86 1.12 -24.05 -11.05
N LEU B 87 0.90 -23.24 -10.01
CA LEU B 87 0.46 -23.80 -8.73
C LEU B 87 -0.97 -24.34 -8.80
N ALA B 88 -1.78 -23.83 -9.72
CA ALA B 88 -3.16 -24.30 -9.85
C ALA B 88 -3.24 -25.71 -10.44
N ARG B 89 -2.17 -26.19 -11.07
CA ARG B 89 -2.18 -27.57 -11.53
C ARG B 89 -2.18 -28.57 -10.38
N SER B 90 -1.89 -28.12 -9.15
CA SER B 90 -1.80 -29.02 -8.01
C SER B 90 -2.73 -28.66 -6.86
N TYR B 91 -3.05 -27.37 -6.67
CA TYR B 91 -3.91 -26.94 -5.59
C TYR B 91 -5.33 -26.73 -6.10
N LYS B 92 -6.31 -26.90 -5.19
CA LYS B 92 -7.70 -26.70 -5.58
C LYS B 92 -7.99 -25.23 -5.87
N HIS B 93 -7.37 -24.33 -5.10
CA HIS B 93 -7.53 -22.90 -5.33
C HIS B 93 -6.20 -22.21 -5.12
N VAL B 94 -5.90 -21.22 -5.95
CA VAL B 94 -4.70 -20.42 -5.84
C VAL B 94 -5.09 -18.96 -5.94
N ASP B 95 -4.69 -18.18 -4.94
CA ASP B 95 -4.77 -16.72 -4.98
C ASP B 95 -3.43 -16.16 -5.45
N GLY B 96 -3.47 -15.32 -6.47
CA GLY B 96 -2.29 -14.57 -6.85
C GLY B 96 -2.47 -13.10 -6.52
N VAL B 97 -1.60 -12.54 -5.69
CA VAL B 97 -1.74 -11.16 -5.22
C VAL B 97 -0.48 -10.37 -5.61
N ASP B 98 -0.68 -9.14 -6.09
CA ASP B 98 0.44 -8.26 -6.37
C ASP B 98 0.07 -6.82 -6.05
N TYR B 99 1.10 -6.04 -5.67
CA TYR B 99 0.88 -4.63 -5.38
C TYR B 99 0.50 -3.85 -6.64
N SER B 100 0.96 -4.31 -7.80
CA SER B 100 0.78 -3.58 -9.05
C SER B 100 -0.55 -3.98 -9.70
N GLN B 101 -1.45 -3.00 -9.84
CA GLN B 101 -2.69 -3.22 -10.58
C GLN B 101 -2.40 -3.60 -12.02
N ALA B 102 -1.36 -3.02 -12.62
CA ALA B 102 -1.04 -3.33 -14.00
C ALA B 102 -0.63 -4.79 -14.16
N PHE B 103 0.17 -5.31 -13.24
CA PHE B 103 0.50 -6.73 -13.28
C PHE B 103 -0.76 -7.59 -13.15
N VAL B 104 -1.63 -7.23 -12.20
CA VAL B 104 -2.83 -8.00 -11.95
C VAL B 104 -3.74 -8.03 -13.19
N ASP B 105 -3.86 -6.89 -13.87
CA ASP B 105 -4.70 -6.83 -15.06
C ASP B 105 -4.13 -7.66 -16.21
N ALA B 106 -2.81 -7.72 -16.33
CA ALA B 106 -2.21 -8.56 -17.36
C ALA B 106 -2.56 -10.02 -17.11
N ALA B 107 -2.34 -10.50 -15.89
CA ALA B 107 -2.67 -11.87 -15.53
C ALA B 107 -4.16 -12.16 -15.74
N THR B 108 -5.02 -11.27 -15.24
CA THR B 108 -6.46 -11.43 -15.40
C THR B 108 -6.85 -11.48 -16.87
N GLU B 109 -6.22 -10.64 -17.70
CA GLU B 109 -6.55 -10.62 -19.13
C GLU B 109 -6.16 -11.92 -19.81
N LEU B 110 -4.97 -12.45 -19.52
CA LEU B 110 -4.58 -13.73 -20.08
C LEU B 110 -5.49 -14.84 -19.59
N GLN B 111 -5.93 -14.76 -18.35
CA GLN B 111 -6.88 -15.73 -17.82
C GLN B 111 -8.23 -15.61 -18.53
N LYS B 112 -8.73 -14.38 -18.68
CA LYS B 112 -10.08 -14.17 -19.22
C LYS B 112 -10.12 -14.37 -20.72
N ASN B 113 -9.38 -13.54 -21.47
CA ASN B 113 -9.43 -13.60 -22.93
C ASN B 113 -8.51 -14.64 -23.55
N GLY B 114 -7.56 -15.18 -22.80
CA GLY B 114 -6.72 -16.24 -23.34
C GLY B 114 -5.53 -15.77 -24.13
N CYS B 115 -5.29 -14.47 -24.22
CA CYS B 115 -4.15 -13.96 -24.96
C CYS B 115 -3.83 -12.54 -24.50
N ILE B 116 -2.53 -12.21 -24.47
CA ILE B 116 -2.07 -10.84 -24.23
C ILE B 116 -0.87 -10.58 -25.14
N GLY B 117 -0.65 -9.31 -25.43
CA GLY B 117 0.46 -8.88 -26.25
C GLY B 117 1.40 -8.04 -25.42
N TYR B 118 2.69 -8.08 -25.77
CA TYR B 118 3.69 -7.35 -25.00
C TYR B 118 4.85 -6.94 -25.91
N SER B 119 5.61 -5.95 -25.45
CA SER B 119 6.68 -5.32 -26.21
C SER B 119 8.03 -5.77 -25.66
N GLN B 120 8.65 -6.71 -26.35
CA GLN B 120 10.01 -7.13 -26.05
C GLN B 120 11.02 -6.07 -26.47
N ASN B 121 12.01 -5.81 -25.62
CA ASN B 121 13.03 -4.81 -25.94
C ASN B 121 14.11 -5.37 -26.86
N GLY B 122 14.50 -4.57 -27.85
CA GLY B 122 15.65 -4.88 -28.68
C GLY B 122 16.78 -3.88 -28.51
N GLU B 123 17.40 -3.49 -29.63
CA GLU B 123 18.44 -2.47 -29.63
C GLU B 123 17.86 -1.08 -29.37
N GLY B 124 18.43 -0.38 -28.38
CA GLY B 124 18.06 1.00 -28.14
C GLY B 124 16.58 1.14 -27.79
N GLU B 125 15.85 1.90 -28.61
CA GLU B 125 14.41 2.06 -28.44
C GLU B 125 13.60 1.05 -29.26
N LEU B 126 14.24 0.22 -30.06
CA LEU B 126 13.50 -0.69 -30.92
C LEU B 126 12.82 -1.77 -30.09
N LYS B 127 11.64 -2.17 -30.56
CA LYS B 127 10.83 -3.15 -29.83
C LYS B 127 10.33 -4.25 -30.74
N ASN B 128 10.13 -5.44 -30.19
CA ASN B 128 9.58 -6.60 -30.93
C ASN B 128 8.26 -6.97 -30.25
N TYR B 129 7.18 -7.01 -31.01
CA TYR B 129 5.85 -7.28 -30.40
C TYR B 129 5.65 -8.78 -30.33
N LYS B 130 5.07 -9.27 -29.23
CA LYS B 130 4.88 -10.71 -29.04
C LYS B 130 3.50 -10.98 -28.43
N VAL B 131 2.97 -12.18 -28.64
CA VAL B 131 1.62 -12.54 -28.13
C VAL B 131 1.73 -13.78 -27.24
N ILE B 132 1.15 -13.73 -26.05
CA ILE B 132 1.10 -14.93 -25.18
C ILE B 132 -0.26 -15.59 -25.35
N ASP B 133 -0.27 -16.88 -25.69
CA ASP B 133 -1.50 -17.64 -25.86
C ASP B 133 -1.65 -18.62 -24.71
N ARG B 134 -2.68 -18.40 -23.88
CA ARG B 134 -2.95 -19.26 -22.73
C ARG B 134 -2.95 -20.74 -23.11
N GLU B 135 -3.56 -21.07 -24.25
CA GLU B 135 -3.65 -22.46 -24.68
C GLU B 135 -2.32 -23.02 -25.18
N GLY B 136 -1.26 -22.21 -25.18
CA GLY B 136 0.05 -22.72 -25.53
C GLY B 136 0.82 -23.36 -24.38
N TYR B 137 0.26 -23.41 -23.18
CA TYR B 137 0.98 -23.89 -22.01
C TYR B 137 0.19 -24.98 -21.29
N ALA B 138 0.91 -25.87 -20.62
CA ALA B 138 0.26 -27.00 -19.95
C ALA B 138 -0.69 -26.54 -18.85
N PHE B 139 -0.43 -25.39 -18.23
CA PHE B 139 -1.33 -24.91 -17.18
C PHE B 139 -2.70 -24.51 -17.72
N ARG B 140 -2.93 -24.63 -19.03
CA ARG B 140 -4.25 -24.37 -19.56
C ARG B 140 -5.32 -25.27 -18.95
N ASP B 141 -4.93 -26.41 -18.38
CA ASP B 141 -5.88 -27.33 -17.76
C ASP B 141 -6.34 -26.88 -16.38
N SER B 142 -5.81 -25.79 -15.83
CA SER B 142 -6.10 -25.45 -14.44
C SER B 142 -6.37 -23.97 -14.20
N PHE B 143 -6.45 -23.16 -15.26
CA PHE B 143 -6.42 -21.70 -15.07
C PHE B 143 -7.68 -21.16 -14.42
N THR B 144 -8.79 -21.91 -14.46
CA THR B 144 -9.99 -21.43 -13.79
C THR B 144 -9.90 -21.51 -12.27
N LYS B 145 -8.87 -22.15 -11.74
CA LYS B 145 -8.74 -22.34 -10.30
C LYS B 145 -7.93 -21.23 -9.63
N VAL B 146 -7.64 -20.16 -10.37
CA VAL B 146 -6.85 -19.02 -9.89
C VAL B 146 -7.74 -17.79 -9.82
N GLU B 147 -7.54 -17.00 -8.78
CA GLU B 147 -8.08 -15.64 -8.70
C GLU B 147 -6.93 -14.68 -8.45
N PHE B 148 -6.86 -13.62 -9.25
CA PHE B 148 -5.84 -12.58 -9.12
C PHE B 148 -6.42 -11.34 -8.44
N PHE B 149 -5.65 -10.78 -7.50
CA PHE B 149 -6.10 -9.62 -6.75
C PHE B 149 -4.95 -8.62 -6.61
N GLN B 150 -5.30 -7.33 -6.59
CA GLN B 150 -4.37 -6.32 -6.12
C GLN B 150 -4.36 -6.34 -4.60
N GLY B 151 -3.18 -6.22 -4.02
CA GLY B 151 -3.07 -6.25 -2.57
C GLY B 151 -1.62 -6.08 -2.16
N ASP B 152 -1.42 -5.89 -0.86
CA ASP B 152 -0.12 -5.57 -0.28
C ASP B 152 0.28 -6.66 0.70
N ALA B 153 1.48 -7.21 0.49
CA ALA B 153 1.98 -8.28 1.36
C ALA B 153 2.16 -7.81 2.80
N CYS B 154 2.35 -6.52 3.01
CA CYS B 154 2.50 -5.99 4.37
C CYS B 154 1.18 -5.59 5.00
N ASN B 155 0.05 -5.76 4.30
CA ASN B 155 -1.26 -5.40 4.82
C ASN B 155 -2.34 -6.21 4.13
N LEU B 156 -2.21 -7.54 4.20
CA LEU B 156 -3.13 -8.42 3.49
C LEU B 156 -4.52 -8.38 4.11
N THR B 157 -5.52 -8.30 3.24
CA THR B 157 -6.91 -8.36 3.65
C THR B 157 -7.18 -9.66 4.42
N PRO B 158 -8.16 -9.65 5.34
CA PRO B 158 -8.36 -10.83 6.19
C PRO B 158 -8.83 -12.07 5.44
N GLN B 159 -9.42 -11.94 4.26
CA GLN B 159 -9.87 -13.13 3.53
C GLN B 159 -8.71 -13.98 3.03
N PHE B 160 -7.50 -13.41 2.95
CA PHE B 160 -6.34 -14.13 2.44
C PHE B 160 -5.73 -14.89 3.61
N LYS B 161 -6.33 -16.03 3.90
CA LYS B 161 -6.02 -16.81 5.08
C LYS B 161 -6.15 -18.28 4.74
N GLU B 162 -5.82 -19.13 5.72
CA GLU B 162 -6.00 -20.57 5.64
C GLU B 162 -5.33 -21.16 4.40
N TYR B 163 -4.07 -20.81 4.21
CA TYR B 163 -3.31 -21.36 3.09
C TYR B 163 -2.51 -22.58 3.56
N ASP B 164 -2.52 -23.61 2.72
CA ASP B 164 -1.56 -24.68 2.89
C ASP B 164 -0.19 -24.27 2.41
N LEU B 165 -0.11 -23.31 1.49
CA LEU B 165 1.18 -22.83 1.00
C LEU B 165 1.09 -21.33 0.70
N ILE B 166 2.06 -20.57 1.18
CA ILE B 166 2.27 -19.20 0.76
C ILE B 166 3.66 -19.13 0.13
N MET B 167 3.70 -18.81 -1.16
CA MET B 167 4.95 -18.70 -1.90
C MET B 167 5.15 -17.24 -2.30
N ALA B 168 6.29 -16.68 -1.90
CA ALA B 168 6.61 -15.29 -2.20
C ALA B 168 8.02 -15.27 -2.78
N THR B 169 8.11 -15.30 -4.12
CA THR B 169 9.40 -15.39 -4.79
C THR B 169 9.89 -13.99 -5.15
N ASN B 170 11.13 -13.68 -4.74
CA ASN B 170 11.79 -12.43 -5.06
C ASN B 170 10.93 -11.23 -4.66
N LEU B 171 10.43 -11.28 -3.42
CA LEU B 171 9.61 -10.21 -2.86
C LEU B 171 10.26 -9.48 -1.71
N ILE B 172 10.93 -10.17 -0.79
CA ILE B 172 11.32 -9.56 0.48
C ILE B 172 12.30 -8.42 0.28
N ASP B 173 13.21 -8.53 -0.69
CA ASP B 173 14.16 -7.45 -0.92
C ASP B 173 13.61 -6.39 -1.84
N ARG B 174 12.29 -6.39 -2.06
CA ARG B 174 11.60 -5.29 -2.71
C ARG B 174 10.61 -4.62 -1.76
N LEU B 175 10.62 -5.00 -0.49
CA LEU B 175 9.72 -4.45 0.53
C LEU B 175 10.45 -3.42 1.38
N TYR B 176 9.76 -2.32 1.71
CA TYR B 176 10.40 -1.30 2.53
C TYR B 176 10.70 -1.83 3.92
N GLU B 177 9.78 -2.59 4.51
CA GLU B 177 9.91 -3.14 5.85
C GLU B 177 9.50 -4.60 5.82
N PRO B 178 10.35 -5.48 5.28
CA PRO B 178 9.93 -6.86 5.04
C PRO B 178 9.49 -7.58 6.30
N ARG B 179 10.02 -7.17 7.45
CA ARG B 179 9.63 -7.81 8.70
C ARG B 179 8.14 -7.65 8.95
N LEU B 180 7.55 -6.53 8.51
CA LEU B 180 6.10 -6.35 8.68
C LEU B 180 5.32 -7.47 8.00
N PHE B 181 5.80 -7.95 6.86
CA PHE B 181 5.18 -9.07 6.17
C PHE B 181 5.50 -10.39 6.87
N LEU B 182 6.77 -10.59 7.23
CA LEU B 182 7.23 -11.91 7.67
C LEU B 182 6.79 -12.26 9.09
N GLU B 183 6.71 -11.30 10.01
CA GLU B 183 6.45 -11.66 11.40
C GLU B 183 4.99 -12.06 11.64
N ASN B 184 4.09 -11.70 10.72
CA ASN B 184 2.68 -12.03 10.88
C ASN B 184 2.20 -13.13 9.95
N ILE B 185 3.01 -13.56 8.97
CA ILE B 185 2.50 -14.40 7.90
C ILE B 185 2.09 -15.80 8.38
N HIS B 186 2.60 -16.26 9.52
CA HIS B 186 2.18 -17.56 10.05
C HIS B 186 0.69 -17.57 10.38
N LYS B 187 0.09 -16.40 10.59
CA LYS B 187 -1.34 -16.30 10.86
C LYS B 187 -2.20 -16.69 9.66
N ARG B 188 -1.65 -16.64 8.45
CA ARG B 188 -2.41 -16.98 7.26
C ARG B 188 -2.17 -18.40 6.76
N ILE B 189 -1.36 -19.19 7.47
CA ILE B 189 -0.96 -20.52 7.03
C ILE B 189 -1.52 -21.54 8.00
N ASN B 190 -2.11 -22.60 7.45
CA ASN B 190 -2.68 -23.67 8.25
C ASN B 190 -1.58 -24.44 8.98
N GLU B 191 -1.99 -25.22 9.98
CA GLU B 191 -1.06 -26.09 10.68
C GLU B 191 -0.45 -27.10 9.70
N LYS B 192 0.86 -27.29 9.81
CA LYS B 192 1.65 -28.09 8.89
C LYS B 192 1.82 -27.46 7.51
N GLY B 193 1.26 -26.26 7.27
CA GLY B 193 1.44 -25.57 6.01
C GLY B 193 2.83 -24.98 5.88
N TYR B 194 3.08 -24.37 4.72
CA TYR B 194 4.43 -23.98 4.33
C TYR B 194 4.51 -22.52 3.91
N LEU B 195 5.64 -21.91 4.22
CA LEU B 195 6.02 -20.62 3.67
C LEU B 195 7.29 -20.85 2.85
N ILE B 196 7.23 -20.54 1.56
CA ILE B 196 8.37 -20.74 0.67
C ILE B 196 8.76 -19.39 0.11
N LEU B 197 10.02 -19.00 0.36
CA LEU B 197 10.58 -17.73 -0.06
C LEU B 197 11.70 -17.98 -1.06
N THR B 198 11.87 -17.07 -2.01
CA THR B 198 13.11 -16.97 -2.76
C THR B 198 13.55 -15.52 -2.79
N SER B 199 14.86 -15.33 -2.85
CA SER B 199 15.40 -13.99 -2.94
C SER B 199 16.88 -14.07 -3.27
N PRO B 200 17.38 -13.20 -4.13
CA PRO B 200 18.82 -13.05 -4.29
C PRO B 200 19.45 -12.07 -3.30
N TYR B 201 18.66 -11.52 -2.38
CA TYR B 201 19.20 -10.75 -1.26
C TYR B 201 19.90 -9.48 -1.73
N THR B 202 19.39 -8.87 -2.79
CA THR B 202 20.00 -7.66 -3.32
C THR B 202 19.41 -6.44 -2.61
N TRP B 203 19.66 -6.39 -1.30
CA TRP B 203 19.16 -5.29 -0.48
C TRP B 203 19.70 -3.96 -0.97
N ARG B 204 18.80 -3.01 -1.18
CA ARG B 204 19.12 -1.68 -1.68
C ARG B 204 18.27 -0.64 -0.96
N GLU B 205 18.87 0.51 -0.65
CA GLU B 205 18.15 1.54 0.07
C GLU B 205 17.03 2.16 -0.77
N GLU B 206 17.05 1.97 -2.09
CA GLU B 206 15.96 2.47 -2.92
C GLU B 206 14.68 1.68 -2.68
N TYR B 207 14.77 0.45 -2.18
CA TYR B 207 13.59 -0.35 -1.84
C TYR B 207 13.39 -0.51 -0.35
N THR B 208 14.47 -0.64 0.42
CA THR B 208 14.40 -1.03 1.83
C THR B 208 15.28 -0.12 2.67
N ALA B 209 14.72 0.42 3.75
CA ALA B 209 15.53 1.16 4.71
C ALA B 209 16.60 0.25 5.29
N LYS B 210 17.82 0.76 5.34
CA LYS B 210 18.95 0.00 5.86
C LYS B 210 18.62 -0.70 7.17
N LYS B 211 17.99 0.01 8.12
CA LYS B 211 17.62 -0.61 9.38
C LYS B 211 16.63 -1.76 9.21
N PHE B 212 16.02 -1.91 8.03
CA PHE B 212 15.07 -2.98 7.79
C PHE B 212 15.64 -4.12 6.94
N TRP B 213 16.87 -3.98 6.47
CA TRP B 213 17.53 -5.07 5.76
C TRP B 213 17.59 -6.30 6.66
N ILE B 214 17.15 -7.44 6.12
CA ILE B 214 17.20 -8.66 6.91
C ILE B 214 18.62 -9.24 6.94
N GLY B 215 19.45 -8.92 5.96
CA GLY B 215 20.83 -9.32 5.99
C GLY B 215 21.62 -8.47 5.04
N GLY B 216 22.86 -8.90 4.79
CA GLY B 216 23.70 -8.15 3.87
C GLY B 216 24.23 -6.85 4.41
N TYR B 217 24.43 -6.76 5.73
CA TYR B 217 24.97 -5.58 6.37
C TYR B 217 25.89 -6.00 7.51
N VAL B 218 26.73 -5.07 7.95
CA VAL B 218 27.58 -5.29 9.11
C VAL B 218 26.90 -4.68 10.32
N ASP B 219 26.70 -5.48 11.36
CA ASP B 219 26.02 -4.96 12.53
C ASP B 219 26.94 -4.01 13.30
N GLU B 220 26.44 -3.49 14.42
CA GLU B 220 27.21 -2.51 15.19
C GLU B 220 28.46 -3.12 15.85
N ASN B 221 28.55 -4.44 15.91
CA ASN B 221 29.71 -5.10 16.50
C ASN B 221 30.75 -5.51 15.46
N GLY B 222 30.57 -5.10 14.21
CA GLY B 222 31.52 -5.45 13.17
C GLY B 222 31.33 -6.82 12.56
N LYS B 223 30.24 -7.52 12.86
CA LYS B 223 29.99 -8.85 12.31
C LYS B 223 29.04 -8.76 11.12
N GLU B 224 29.31 -9.56 10.11
CA GLU B 224 28.47 -9.58 8.92
C GLU B 224 27.23 -10.42 9.17
N VAL B 225 26.07 -9.87 8.82
CA VAL B 225 24.79 -10.56 9.00
C VAL B 225 24.34 -11.12 7.65
N SER B 226 24.17 -12.44 7.59
CA SER B 226 23.64 -13.09 6.41
C SER B 226 22.12 -13.01 6.41
N THR B 227 21.52 -12.91 5.22
CA THR B 227 20.07 -12.77 5.14
C THR B 227 19.37 -14.04 5.61
N LEU B 228 19.92 -15.21 5.27
CA LEU B 228 19.33 -16.46 5.76
C LEU B 228 19.28 -16.50 7.28
N GLU B 229 20.34 -16.02 7.93
CA GLU B 229 20.33 -15.99 9.39
C GLU B 229 19.30 -14.99 9.90
N GLY B 230 19.21 -13.81 9.27
CA GLY B 230 18.18 -12.87 9.65
C GLY B 230 16.79 -13.48 9.49
N LEU B 231 16.59 -14.29 8.44
CA LEU B 231 15.31 -14.95 8.22
C LEU B 231 15.02 -15.96 9.32
N LYS B 232 16.03 -16.74 9.73
CA LYS B 232 15.83 -17.68 10.82
C LYS B 232 15.38 -16.96 12.09
N GLU B 233 16.06 -15.84 12.41
CA GLU B 233 15.73 -15.09 13.61
C GLU B 233 14.28 -14.62 13.62
N ILE B 234 13.78 -14.16 12.48
CA ILE B 234 12.38 -13.75 12.40
C ILE B 234 11.46 -14.96 12.41
N LEU B 235 11.73 -15.94 11.55
CA LEU B 235 10.74 -16.97 11.28
C LEU B 235 10.79 -18.16 12.22
N GLU B 236 11.89 -18.37 12.93
CA GLU B 236 11.95 -19.59 13.73
C GLU B 236 11.09 -19.53 14.98
N ILE B 237 10.51 -18.36 15.31
CA ILE B 237 9.47 -18.29 16.31
C ILE B 237 8.30 -19.20 15.94
N HIS B 238 7.93 -19.25 14.67
CA HIS B 238 6.74 -19.99 14.25
C HIS B 238 6.97 -20.99 13.13
N PHE B 239 8.21 -21.13 12.63
CA PHE B 239 8.48 -22.02 11.51
C PHE B 239 9.72 -22.84 11.83
N GLU B 240 9.87 -23.94 11.12
CA GLU B 240 11.10 -24.72 11.09
C GLU B 240 11.68 -24.65 9.68
N LEU B 241 12.96 -24.33 9.58
CA LEU B 241 13.64 -24.28 8.29
C LEU B 241 13.90 -25.70 7.81
N VAL B 242 13.35 -26.03 6.65
CA VAL B 242 13.31 -27.40 6.15
C VAL B 242 14.34 -27.64 5.05
N ALA B 243 14.57 -26.63 4.22
CA ALA B 243 15.45 -26.82 3.07
C ALA B 243 15.82 -25.48 2.49
N THR B 244 17.00 -25.42 1.88
CA THR B 244 17.44 -24.30 1.08
C THR B 244 18.00 -24.84 -0.23
N GLU B 245 17.93 -24.01 -1.27
CA GLU B 245 18.29 -24.44 -2.61
C GLU B 245 18.46 -23.20 -3.47
N ASP B 246 19.49 -23.22 -4.33
CA ASP B 246 19.77 -22.12 -5.23
C ASP B 246 19.06 -22.35 -6.56
N ILE B 247 18.35 -21.32 -7.06
CA ILE B 247 17.59 -21.40 -8.27
C ILE B 247 17.99 -20.26 -9.20
N PRO B 248 18.57 -20.53 -10.36
CA PRO B 248 18.95 -19.46 -11.28
C PRO B 248 17.76 -18.95 -12.08
N PHE B 249 17.86 -17.69 -12.51
CA PHE B 249 16.91 -17.14 -13.47
C PHE B 249 17.60 -16.09 -14.33
N VAL B 250 17.06 -15.92 -15.53
CA VAL B 250 17.56 -14.95 -16.51
C VAL B 250 16.37 -14.09 -16.92
N ILE B 251 16.50 -12.78 -16.73
CA ILE B 251 15.47 -11.85 -17.17
C ILE B 251 16.08 -10.95 -18.24
N ARG B 252 15.41 -10.86 -19.39
CA ARG B 252 15.91 -10.09 -20.51
C ARG B 252 15.73 -8.60 -20.25
N GLU B 253 16.77 -7.81 -20.57
CA GLU B 253 16.69 -6.36 -20.55
C GLU B 253 16.75 -5.75 -21.94
N THR B 254 17.68 -6.19 -22.79
CA THR B 254 17.60 -5.89 -24.22
C THR B 254 17.79 -7.20 -25.00
N SER B 255 17.79 -7.07 -26.33
CA SER B 255 18.10 -8.21 -27.19
C SER B 255 19.47 -8.82 -26.88
N ARG B 256 20.39 -8.03 -26.35
CA ARG B 256 21.77 -8.54 -26.09
C ARG B 256 22.15 -8.48 -24.60
N LYS B 257 21.40 -7.76 -23.79
CA LYS B 257 21.74 -7.61 -22.35
C LYS B 257 20.70 -8.33 -21.49
N PHE B 258 21.17 -9.15 -20.55
CA PHE B 258 20.28 -9.91 -19.66
C PHE B 258 20.80 -9.92 -18.21
N GLN B 259 19.91 -10.00 -17.24
CA GLN B 259 20.34 -10.20 -15.83
C GLN B 259 20.31 -11.70 -15.55
N HIS B 260 21.41 -12.23 -15.08
CA HIS B 260 21.53 -13.67 -14.75
C HIS B 260 21.77 -13.73 -13.24
N THR B 261 20.80 -14.26 -12.52
CA THR B 261 20.87 -14.19 -11.05
C THR B 261 20.58 -15.54 -10.38
N ILE B 262 21.24 -15.80 -9.26
CA ILE B 262 20.97 -17.03 -8.47
C ILE B 262 20.19 -16.64 -7.23
N SER B 263 18.91 -16.99 -7.21
CA SER B 263 18.09 -16.71 -6.05
C SER B 263 18.15 -17.91 -5.12
N GLN B 264 18.06 -17.66 -3.82
CA GLN B 264 18.03 -18.73 -2.83
C GLN B 264 16.60 -18.96 -2.40
N MET B 265 16.14 -20.20 -2.53
CA MET B 265 14.83 -20.59 -2.03
C MET B 265 15.01 -21.11 -0.61
N SER B 266 14.16 -20.65 0.31
CA SER B 266 14.11 -21.20 1.66
C SER B 266 12.70 -21.71 1.95
N VAL B 267 12.62 -22.85 2.62
CA VAL B 267 11.39 -23.61 2.81
C VAL B 267 11.13 -23.70 4.31
N TRP B 268 9.94 -23.23 4.73
CA TRP B 268 9.61 -23.10 6.15
C TRP B 268 8.27 -23.78 6.42
N LYS B 269 8.26 -24.68 7.39
CA LYS B 269 7.06 -25.38 7.83
C LYS B 269 6.56 -24.77 9.14
N VAL B 270 5.26 -24.48 9.22
CA VAL B 270 4.70 -23.89 10.43
C VAL B 270 4.75 -24.90 11.57
N ILE B 271 5.05 -24.41 12.77
CA ILE B 271 4.97 -25.21 13.98
C ILE B 271 3.55 -25.12 14.53
N SAM C . -8.66 13.65 6.74
CA SAM C . -10.07 13.41 7.11
C SAM C . -10.46 14.33 8.28
O SAM C . -11.65 14.37 8.57
OXT SAM C . -9.58 14.95 8.82
CB SAM C . -10.27 11.96 7.53
CG SAM C . -9.54 11.54 8.80
SD SAM C . -10.14 9.92 9.32
CE SAM C . -9.82 9.95 11.08
C5' SAM C . -8.79 8.90 8.70
C4' SAM C . -8.87 8.78 7.20
O4' SAM C . -7.69 8.11 6.71
C3' SAM C . -10.06 7.98 6.66
O3' SAM C . -10.66 8.68 5.59
C2' SAM C . -9.44 6.66 6.23
O2' SAM C . -10.17 6.03 5.21
C1' SAM C . -8.06 7.14 5.77
N9 SAM C . -7.03 6.11 5.78
C8 SAM C . -6.79 5.17 6.75
N7 SAM C . -5.78 4.40 6.49
C5 SAM C . -5.31 4.85 5.27
C6 SAM C . -4.24 4.43 4.46
N6 SAM C . -3.43 3.43 4.75
N1 SAM C . -4.05 5.11 3.30
C2 SAM C . -4.87 6.12 3.00
N3 SAM C . -5.90 6.60 3.69
C4 SAM C . -6.07 5.92 4.83
C TRS D . -14.69 8.06 14.75
C1 TRS D . -15.71 9.14 15.16
C2 TRS D . -13.74 7.68 15.88
C3 TRS D . -13.89 8.56 13.53
N TRS D . -15.40 6.83 14.37
O1 TRS D . -16.65 8.80 16.17
O2 TRS D . -12.94 8.81 16.22
O3 TRS D . -12.92 7.64 13.03
C1 EDO E . 5.73 6.96 0.23
O1 EDO E . 5.51 8.11 1.05
C2 EDO E . 4.99 5.82 0.88
O2 EDO E . 3.59 6.10 0.75
C1 EDO F . 6.95 2.45 1.89
O1 EDO F . 5.88 1.48 1.82
C2 EDO F . 7.70 2.44 0.56
O2 EDO F . 6.79 2.83 -0.47
C1 EDO G . -9.72 28.60 -9.61
O1 EDO G . -9.31 28.67 -8.22
C2 EDO G . -10.16 29.95 -10.12
O2 EDO G . -11.27 30.40 -9.33
N SAM H . 7.32 -13.36 -7.89
CA SAM H . 7.78 -12.82 -9.18
C SAM H . 9.08 -13.50 -9.60
O SAM H . 9.61 -14.26 -8.82
OXT SAM H . 9.49 -13.21 -10.68
CB SAM H . 8.01 -11.31 -9.12
CG SAM H . 9.19 -10.82 -8.31
SD SAM H . 9.40 -9.05 -8.64
CE SAM H . 11.13 -8.82 -8.27
C5' SAM H . 8.60 -8.40 -7.15
C4' SAM H . 7.10 -8.44 -7.31
O4' SAM H . 6.46 -8.12 -6.05
C3' SAM H . 6.53 -7.46 -8.33
O3' SAM H . 5.52 -8.11 -9.09
C2' SAM H . 5.96 -6.34 -7.47
O2' SAM H . 4.91 -5.65 -8.08
C1' SAM H . 5.49 -7.13 -6.26
N9 SAM H . 5.38 -6.35 -5.03
C8 SAM H . 6.20 -5.33 -4.62
N7 SAM H . 5.87 -4.82 -3.46
C5 SAM H . 4.76 -5.56 -3.09
C6 SAM H . 3.94 -5.49 -1.94
N6 SAM H . 4.12 -4.63 -0.95
N1 SAM H . 2.91 -6.37 -1.86
C2 SAM H . 2.73 -7.23 -2.88
N3 SAM H . 3.44 -7.38 -3.99
C4 SAM H . 4.45 -6.50 -4.04
C TRS I . 14.19 -5.81 -13.10
C1 TRS I . 14.92 -6.73 -14.07
C2 TRS I . 15.17 -5.16 -12.13
C3 TRS I . 13.12 -6.58 -12.31
N TRS I . 13.53 -4.75 -13.87
O1 TRS I . 16.03 -6.09 -14.67
O2 TRS I . 15.71 -6.18 -11.33
O3 TRS I . 12.48 -5.75 -11.36
#